data_2ER9
#
_entry.id   2ER9
#
_cell.length_a   53.500
_cell.length_b   73.900
_cell.length_c   45.600
_cell.angle_alpha   90.00
_cell.angle_beta   109.10
_cell.angle_gamma   90.00
#
_symmetry.space_group_name_H-M   'P 1 21 1'
#
loop_
_entity.id
_entity.type
_entity.pdbx_description
1 polymer ENDOTHIAPEPSIN
2 polymer L363,564
3 water water
#
loop_
_entity_poly.entity_id
_entity_poly.type
_entity_poly.pdbx_seq_one_letter_code
_entity_poly.pdbx_strand_id
1 'polypeptide(L)'
;STGSATTTPIDSLDDAYITPVQIGTPAQTLNLDFDTGSSDLWVFSSETTASEVDGQTIYTPSKSTTAKLLSGATWSISYG
DGSSSSGDVYTDTVSVGGLTVTGQAVESAKKVSSSFTEDSTIDGLLGLAFSTLNTVSPTQQKTFFDNAKASLDSPVFTAD
LGYHAPGTYNFGFIDTTAYTGSITYTAVSTKQGFWEWTSTGYAVGSGTFKSTSIDGIADTGTTLLYLPATVVSAYWAQVS
GAKSSSSVGGYVFPCSATLPSFTFGVGSARIVIPGDYIDFGPISTGSSSCFGGIQSSAGIGINIFGDVALKAAFVVFNGA
TTPTLGFASK
;
E
2 'polypeptide(L)' (BOC)HPFH(STA)LF I
#
loop_
_chem_comp.id
_chem_comp.type
_chem_comp.name
_chem_comp.formula
BOC non-polymer 'TERT-BUTYL HYDROGEN CARBONATE' 'C5 H10 O3'
STA peptide-like STATINE 'C8 H17 N O3'
#
# COMPACT_ATOMS: atom_id res chain seq x y z
N SER A 1 14.34 -19.95 -2.99
CA SER A 1 13.79 -18.88 -3.85
C SER A 1 13.44 -17.66 -3.00
N THR A 2 14.09 -16.56 -3.30
CA THR A 2 13.80 -15.25 -2.68
C THR A 2 13.67 -14.22 -3.81
N GLY A 3 13.41 -12.99 -3.51
CA GLY A 3 13.23 -11.85 -4.46
C GLY A 3 13.35 -10.55 -3.66
N SER A 4 14.13 -9.61 -4.16
CA SER A 4 14.24 -8.26 -3.63
C SER A 4 14.16 -7.25 -4.77
N ALA A 5 13.23 -6.32 -4.63
CA ALA A 5 13.10 -5.25 -5.63
C ALA A 5 13.02 -3.90 -4.91
N THR A 6 13.70 -2.93 -5.46
CA THR A 6 13.62 -1.55 -5.03
C THR A 6 12.30 -0.89 -5.36
N THR A 7 11.67 -0.34 -4.34
CA THR A 7 10.50 0.53 -4.44
C THR A 7 10.83 1.99 -4.32
N THR A 8 10.23 2.85 -5.14
CA THR A 8 10.65 4.27 -5.23
C THR A 8 9.46 5.19 -5.13
N PRO A 9 9.47 6.23 -4.29
CA PRO A 9 8.29 7.15 -4.33
C PRO A 9 8.08 7.76 -5.69
N ILE A 10 6.84 8.02 -6.04
CA ILE A 10 6.48 8.59 -7.32
C ILE A 10 6.46 10.13 -7.29
N ASP A 11 6.50 10.74 -6.15
CA ASP A 11 6.52 12.16 -5.93
C ASP A 11 7.28 12.53 -4.67
N SER A 12 7.51 13.80 -4.46
CA SER A 12 8.30 14.25 -3.30
C SER A 12 7.43 14.24 -2.03
N LEU A 13 6.16 13.96 -2.17
CA LEU A 13 5.20 13.83 -1.05
C LEU A 13 5.14 12.38 -0.59
N ASP A 14 5.70 11.48 -1.39
CA ASP A 14 5.61 10.02 -1.12
C ASP A 14 4.13 9.61 -1.12
N ASP A 15 3.37 10.01 -2.11
CA ASP A 15 1.94 9.66 -2.14
C ASP A 15 1.77 8.16 -2.36
N ALA A 16 2.70 7.54 -3.04
CA ALA A 16 2.68 6.14 -3.43
C ALA A 16 4.09 5.70 -3.80
N TYR A 17 4.26 4.41 -3.89
CA TYR A 17 5.55 3.77 -4.14
C TYR A 17 5.40 2.83 -5.32
N ILE A 18 6.38 2.78 -6.19
CA ILE A 18 6.33 1.96 -7.41
C ILE A 18 7.57 1.05 -7.44
N THR A 19 7.35 -0.18 -7.84
CA THR A 19 8.35 -1.24 -7.87
C THR A 19 8.36 -1.81 -9.29
N PRO A 20 9.52 -2.04 -9.90
CA PRO A 20 9.46 -2.63 -11.26
C PRO A 20 9.16 -4.12 -11.17
N VAL A 21 8.24 -4.59 -11.99
CA VAL A 21 7.97 -6.04 -12.12
C VAL A 21 8.06 -6.42 -13.61
N GLN A 22 8.43 -7.67 -13.84
CA GLN A 22 8.67 -8.18 -15.20
C GLN A 22 7.52 -9.14 -15.58
N ILE A 23 6.85 -8.82 -16.67
CA ILE A 23 5.68 -9.65 -17.09
C ILE A 23 5.91 -10.13 -18.51
N GLY A 24 5.69 -11.39 -18.80
CA GLY A 24 5.61 -11.84 -20.19
C GLY A 24 6.92 -12.44 -20.64
N THR A 25 6.99 -12.94 -21.87
CA THR A 25 8.19 -13.44 -22.48
C THR A 25 8.31 -13.07 -23.94
N PRO A 26 9.38 -12.34 -24.30
CA PRO A 26 10.34 -11.91 -23.26
C PRO A 26 9.68 -10.80 -22.41
N ALA A 27 10.39 -10.34 -21.42
CA ALA A 27 9.91 -9.55 -20.31
C ALA A 27 9.49 -8.15 -20.74
N GLN A 28 8.36 -7.71 -20.27
CA GLN A 28 7.86 -6.36 -20.23
C GLN A 28 7.87 -5.85 -18.78
N THR A 29 8.61 -4.80 -18.56
CA THR A 29 8.83 -4.21 -17.22
C THR A 29 7.76 -3.17 -16.99
N LEU A 30 6.93 -3.35 -15.98
CA LEU A 30 5.90 -2.33 -15.65
C LEU A 30 6.18 -1.85 -14.22
N ASN A 31 5.87 -0.59 -13.91
CA ASN A 31 6.12 -0.13 -12.52
C ASN A 31 4.81 -0.28 -11.76
N LEU A 32 4.76 -1.11 -10.75
CA LEU A 32 3.40 -1.35 -10.18
C LEU A 32 3.42 -0.87 -8.71
N ASP A 33 2.27 -0.54 -8.26
CA ASP A 33 1.99 -0.02 -6.91
C ASP A 33 1.52 -1.24 -6.09
N PHE A 34 2.43 -1.78 -5.31
CA PHE A 34 2.28 -2.88 -4.42
C PHE A 34 1.28 -2.63 -3.31
N ASP A 35 0.17 -3.32 -3.33
CA ASP A 35 -0.99 -2.79 -2.51
C ASP A 35 -1.41 -3.83 -1.51
N THR A 36 -0.98 -3.75 -0.25
CA THR A 36 -1.30 -4.88 0.64
C THR A 36 -2.77 -4.81 1.04
N GLY A 37 -3.52 -3.88 0.50
CA GLY A 37 -4.94 -3.76 0.87
C GLY A 37 -5.85 -4.07 -0.29
N SER A 38 -5.34 -4.69 -1.34
CA SER A 38 -6.14 -5.35 -2.37
C SER A 38 -5.52 -6.63 -2.84
N SER A 39 -6.12 -7.24 -3.86
CA SER A 39 -5.86 -8.69 -4.08
C SER A 39 -5.78 -9.01 -5.54
N ASP A 40 -5.74 -7.98 -6.37
CA ASP A 40 -5.74 -8.04 -7.82
C ASP A 40 -4.44 -7.49 -8.43
N LEU A 41 -3.82 -8.30 -9.26
CA LEU A 41 -2.72 -7.89 -10.12
C LEU A 41 -3.26 -7.33 -11.42
N TRP A 42 -3.26 -6.00 -11.55
CA TRP A 42 -3.84 -5.38 -12.74
C TRP A 42 -2.90 -4.47 -13.44
N VAL A 43 -2.97 -4.40 -14.77
CA VAL A 43 -1.94 -3.62 -15.51
C VAL A 43 -2.62 -2.87 -16.64
N PHE A 44 -2.13 -1.69 -16.98
CA PHE A 44 -2.52 -1.03 -18.27
C PHE A 44 -2.12 -1.90 -19.41
N SER A 45 -2.86 -1.87 -20.54
CA SER A 45 -2.60 -2.91 -21.53
C SER A 45 -2.94 -2.48 -22.93
N SER A 46 -2.69 -3.35 -23.90
CA SER A 46 -3.06 -3.17 -25.29
C SER A 46 -4.55 -3.10 -25.48
N GLU A 47 -5.30 -3.48 -24.44
CA GLU A 47 -6.76 -3.44 -24.55
C GLU A 47 -7.35 -2.23 -23.85
N THR A 48 -6.60 -1.57 -23.01
CA THR A 48 -7.06 -0.36 -22.31
C THR A 48 -7.48 0.70 -23.33
N THR A 49 -8.62 1.32 -23.04
CA THR A 49 -9.20 2.39 -23.87
C THR A 49 -8.15 3.51 -24.03
N ALA A 50 -7.84 3.79 -25.28
CA ALA A 50 -6.79 4.76 -25.68
C ALA A 50 -7.06 6.20 -25.19
N SER A 51 -8.26 6.45 -24.72
CA SER A 51 -8.63 7.77 -24.21
C SER A 51 -8.46 7.79 -22.69
N GLU A 52 -7.85 6.70 -22.22
CA GLU A 52 -7.66 6.47 -20.79
C GLU A 52 -6.21 6.11 -20.42
N VAL A 53 -5.33 6.14 -21.39
CA VAL A 53 -3.89 5.91 -21.14
C VAL A 53 -3.16 7.20 -21.58
N ASP A 54 -2.38 7.69 -20.62
CA ASP A 54 -1.67 9.00 -20.67
C ASP A 54 -0.15 8.94 -20.36
N GLY A 55 0.64 8.13 -21.05
CA GLY A 55 2.11 8.10 -20.80
C GLY A 55 2.52 6.89 -19.91
N GLN A 56 1.55 6.08 -19.56
CA GLN A 56 1.80 4.85 -18.79
C GLN A 56 2.35 3.79 -19.72
N THR A 57 3.12 2.87 -19.17
CA THR A 57 3.64 1.76 -19.98
C THR A 57 2.61 0.64 -19.97
N ILE A 58 2.25 0.17 -21.15
CA ILE A 58 1.24 -0.89 -21.28
C ILE A 58 1.91 -2.25 -21.54
N TYR A 59 1.18 -3.21 -21.02
CA TYR A 59 1.51 -4.64 -21.21
C TYR A 59 0.83 -5.11 -22.48
N THR A 60 1.62 -5.64 -23.41
CA THR A 60 0.98 -6.06 -24.71
C THR A 60 0.95 -7.57 -24.70
N PRO A 61 -0.23 -8.16 -24.46
CA PRO A 61 -0.19 -9.61 -24.16
C PRO A 61 0.20 -10.34 -25.45
N SER A 62 -0.05 -9.71 -26.58
CA SER A 62 0.22 -10.29 -27.88
C SER A 62 1.69 -10.46 -28.19
N LYS A 63 2.58 -9.79 -27.52
CA LYS A 63 4.04 -9.97 -27.65
C LYS A 63 4.60 -10.93 -26.61
N SER A 64 3.76 -11.46 -25.74
CA SER A 64 4.28 -12.45 -24.78
C SER A 64 3.96 -13.86 -25.27
N THR A 65 4.98 -14.69 -25.28
CA THR A 65 4.84 -16.07 -25.77
C THR A 65 4.40 -16.98 -24.64
N THR A 66 4.47 -16.44 -23.42
CA THR A 66 3.90 -17.06 -22.26
C THR A 66 2.49 -16.69 -21.96
N ALA A 67 1.89 -15.79 -22.72
CA ALA A 67 0.62 -15.15 -22.36
C ALA A 67 -0.56 -15.94 -22.95
N LYS A 68 -1.60 -16.11 -22.17
CA LYS A 68 -2.79 -16.86 -22.63
C LYS A 68 -4.06 -16.25 -22.08
N LEU A 69 -5.06 -16.09 -22.91
CA LEU A 69 -6.40 -15.66 -22.49
C LEU A 69 -6.97 -16.69 -21.48
N LEU A 70 -7.38 -16.26 -20.33
CA LEU A 70 -8.34 -16.99 -19.46
C LEU A 70 -9.76 -16.76 -19.94
N SER A 71 -10.21 -17.57 -20.89
CA SER A 71 -11.49 -17.39 -21.56
C SER A 71 -12.64 -17.27 -20.57
N GLY A 72 -13.53 -16.32 -20.77
CA GLY A 72 -14.67 -16.09 -19.93
C GLY A 72 -14.38 -15.32 -18.65
N ALA A 73 -13.16 -15.33 -18.18
CA ALA A 73 -12.67 -14.67 -17.00
C ALA A 73 -12.69 -13.16 -17.08
N THR A 74 -13.05 -12.50 -16.00
CA THR A 74 -13.50 -11.08 -16.02
C THR A 74 -13.23 -10.43 -14.67
N TRP A 75 -12.92 -9.14 -14.62
CA TRP A 75 -12.64 -8.49 -13.34
C TRP A 75 -13.25 -7.11 -13.26
N SER A 76 -13.61 -6.70 -12.06
CA SER A 76 -14.02 -5.30 -11.79
C SER A 76 -13.64 -4.96 -10.37
N ILE A 77 -12.84 -3.91 -10.15
CA ILE A 77 -12.43 -3.58 -8.78
C ILE A 77 -12.85 -2.17 -8.40
N SER A 78 -13.12 -1.92 -7.15
CA SER A 78 -13.52 -0.56 -6.70
C SER A 78 -12.81 -0.27 -5.39
N TYR A 79 -12.14 0.88 -5.35
CA TYR A 79 -11.39 1.21 -4.12
C TYR A 79 -12.13 2.19 -3.24
N GLY A 80 -11.62 2.38 -2.02
CA GLY A 80 -12.02 3.42 -1.10
C GLY A 80 -11.68 4.80 -1.61
N ASP A 81 -10.71 4.89 -2.48
CA ASP A 81 -10.39 6.06 -3.31
C ASP A 81 -11.65 6.51 -4.06
N GLY A 82 -12.49 5.55 -4.38
CA GLY A 82 -13.53 5.70 -5.40
C GLY A 82 -12.99 5.31 -6.78
N SER A 83 -11.73 5.02 -6.86
CA SER A 83 -11.00 4.53 -8.02
C SER A 83 -11.63 3.26 -8.59
N SER A 84 -11.70 3.16 -9.91
CA SER A 84 -12.26 1.98 -10.56
C SER A 84 -11.37 1.44 -11.67
N SER A 85 -11.40 0.13 -11.82
CA SER A 85 -10.69 -0.52 -12.94
C SER A 85 -11.37 -1.85 -13.25
N SER A 86 -11.39 -2.23 -14.52
CA SER A 86 -12.02 -3.47 -14.97
C SER A 86 -11.51 -3.94 -16.31
N GLY A 87 -11.60 -5.27 -16.55
CA GLY A 87 -11.41 -5.82 -17.88
C GLY A 87 -11.39 -7.32 -17.93
N ASP A 88 -10.56 -7.85 -18.83
CA ASP A 88 -10.36 -9.30 -18.97
C ASP A 88 -9.00 -9.73 -18.50
N VAL A 89 -8.70 -11.03 -18.65
CA VAL A 89 -7.65 -11.61 -17.77
C VAL A 89 -6.78 -12.57 -18.56
N TYR A 90 -5.51 -12.58 -18.23
CA TYR A 90 -4.52 -13.43 -18.95
C TYR A 90 -3.74 -14.24 -17.94
N THR A 91 -3.14 -15.35 -18.33
CA THR A 91 -2.07 -15.91 -17.49
C THR A 91 -0.72 -15.72 -18.15
N ASP A 92 0.32 -15.59 -17.31
CA ASP A 92 1.61 -15.17 -17.87
C ASP A 92 2.66 -15.37 -16.79
N THR A 93 3.89 -15.18 -17.13
CA THR A 93 5.00 -15.42 -16.13
C THR A 93 5.32 -14.02 -15.58
N VAL A 94 5.40 -13.89 -14.29
CA VAL A 94 5.62 -12.62 -13.61
C VAL A 94 6.81 -12.72 -12.69
N SER A 95 7.71 -11.75 -12.78
CA SER A 95 8.96 -11.83 -11.98
C SER A 95 9.09 -10.51 -11.17
N VAL A 96 9.28 -10.64 -9.87
CA VAL A 96 9.61 -9.54 -8.98
C VAL A 96 10.93 -9.62 -8.31
N GLY A 97 11.96 -8.97 -8.90
CA GLY A 97 13.26 -8.98 -8.16
C GLY A 97 13.94 -10.31 -8.35
N GLY A 98 13.55 -11.05 -9.38
CA GLY A 98 14.20 -12.33 -9.69
C GLY A 98 13.44 -13.53 -9.15
N LEU A 99 12.46 -13.34 -8.31
CA LEU A 99 11.45 -14.33 -7.94
C LEU A 99 10.34 -14.44 -9.01
N THR A 100 10.30 -15.56 -9.68
CA THR A 100 9.49 -15.83 -10.83
C THR A 100 8.28 -16.68 -10.51
N VAL A 101 7.15 -16.26 -11.05
CA VAL A 101 5.93 -17.09 -10.84
C VAL A 101 5.26 -17.26 -12.17
N THR A 102 4.97 -18.51 -12.48
CA THR A 102 4.38 -18.84 -13.80
C THR A 102 2.91 -19.09 -13.64
N GLY A 103 2.12 -18.88 -14.68
CA GLY A 103 0.67 -18.83 -14.57
C GLY A 103 0.15 -17.90 -13.51
N GLN A 104 0.79 -16.75 -13.32
CA GLN A 104 0.11 -15.68 -12.54
C GLN A 104 -1.04 -15.14 -13.38
N ALA A 105 -2.19 -14.94 -12.75
CA ALA A 105 -3.28 -14.13 -13.29
C ALA A 105 -2.88 -12.68 -13.49
N VAL A 106 -2.88 -12.22 -14.73
CA VAL A 106 -2.59 -10.81 -15.05
C VAL A 106 -3.80 -10.16 -15.64
N GLU A 107 -4.43 -9.31 -14.84
CA GLU A 107 -5.77 -8.80 -15.22
C GLU A 107 -5.58 -7.50 -16.02
N SER A 108 -5.94 -7.60 -17.27
CA SER A 108 -5.67 -6.54 -18.24
C SER A 108 -6.84 -5.58 -18.27
N ALA A 109 -6.54 -4.32 -18.03
CA ALA A 109 -7.56 -3.27 -18.04
C ALA A 109 -8.06 -2.99 -19.42
N LYS A 110 -9.37 -3.08 -19.63
CA LYS A 110 -9.98 -2.42 -20.80
C LYS A 110 -10.43 -1.02 -20.36
N LYS A 111 -10.68 -0.94 -19.07
CA LYS A 111 -11.32 0.25 -18.49
C LYS A 111 -10.58 0.66 -17.22
N VAL A 112 -10.39 1.96 -17.11
CA VAL A 112 -9.71 2.53 -15.94
C VAL A 112 -10.31 3.91 -15.63
N SER A 113 -10.34 4.28 -14.38
CA SER A 113 -10.85 5.56 -13.86
C SER A 113 -9.86 6.70 -14.23
N SER A 114 -10.36 7.89 -14.34
CA SER A 114 -9.71 9.17 -14.25
C SER A 114 -8.48 9.18 -13.35
N SER A 115 -8.65 8.82 -12.09
CA SER A 115 -7.61 8.79 -11.07
C SER A 115 -6.39 8.03 -11.57
N PHE A 116 -6.64 6.98 -12.35
CA PHE A 116 -5.51 6.13 -12.82
C PHE A 116 -4.88 6.71 -14.07
N THR A 117 -5.67 7.09 -15.05
CA THR A 117 -5.27 7.84 -16.21
C THR A 117 -4.37 9.03 -15.90
N GLU A 118 -4.69 9.81 -14.92
CA GLU A 118 -3.98 10.98 -14.45
C GLU A 118 -2.65 10.63 -13.84
N ASP A 119 -2.53 9.40 -13.35
CA ASP A 119 -1.30 9.00 -12.67
C ASP A 119 -0.34 8.30 -13.60
N SER A 120 0.57 9.06 -14.20
CA SER A 120 1.42 8.61 -15.28
C SER A 120 2.48 7.64 -14.80
N THR A 121 2.79 7.61 -13.51
CA THR A 121 3.93 6.83 -13.00
C THR A 121 3.49 5.42 -12.63
N ILE A 122 2.19 5.23 -12.56
CA ILE A 122 1.64 3.93 -12.14
C ILE A 122 1.14 3.14 -13.33
N ASP A 123 1.68 1.96 -13.51
CA ASP A 123 1.33 1.13 -14.68
C ASP A 123 0.32 0.06 -14.26
N GLY A 124 0.12 -0.06 -12.97
CA GLY A 124 -1.03 -0.88 -12.45
C GLY A 124 -0.71 -1.28 -11.03
N LEU A 125 -1.42 -2.26 -10.53
CA LEU A 125 -1.34 -2.65 -9.13
C LEU A 125 -0.95 -4.11 -8.98
N LEU A 126 -0.27 -4.42 -7.93
CA LEU A 126 0.06 -5.79 -7.48
C LEU A 126 -0.50 -5.91 -6.05
N GLY A 127 -1.61 -6.62 -5.93
CA GLY A 127 -2.35 -6.69 -4.67
C GLY A 127 -1.74 -7.76 -3.80
N LEU A 128 -1.58 -7.50 -2.53
CA LEU A 128 -0.83 -8.35 -1.60
C LEU A 128 -1.65 -8.61 -0.31
N ALA A 129 -2.94 -8.34 -0.34
CA ALA A 129 -3.86 -8.84 0.71
C ALA A 129 -4.11 -10.34 0.44
N PHE A 130 -5.07 -10.89 1.13
CA PHE A 130 -5.52 -12.26 1.02
C PHE A 130 -6.33 -12.53 -0.20
N SER A 131 -6.26 -13.76 -0.75
CA SER A 131 -6.82 -14.01 -2.09
C SER A 131 -8.32 -13.96 -2.12
N THR A 132 -8.98 -14.15 -0.99
CA THR A 132 -10.42 -14.02 -0.85
C THR A 132 -10.95 -12.74 -1.47
N LEU A 133 -10.06 -11.73 -1.55
CA LEU A 133 -10.57 -10.39 -2.00
C LEU A 133 -10.55 -10.30 -3.49
N ASN A 134 -9.89 -11.28 -4.13
CA ASN A 134 -9.57 -11.09 -5.56
C ASN A 134 -10.88 -11.12 -6.35
N THR A 135 -10.91 -10.46 -7.46
CA THR A 135 -12.18 -9.96 -8.05
C THR A 135 -12.60 -10.77 -9.23
N VAL A 136 -11.70 -11.58 -9.77
CA VAL A 136 -11.90 -12.19 -11.09
C VAL A 136 -13.05 -13.20 -11.04
N SER A 137 -13.89 -13.20 -12.06
CA SER A 137 -14.98 -14.16 -12.16
C SER A 137 -15.06 -14.80 -13.50
N PRO A 138 -15.74 -15.95 -13.62
CA PRO A 138 -16.38 -16.57 -12.45
C PRO A 138 -15.41 -17.36 -11.64
N THR A 139 -14.19 -17.57 -12.12
CA THR A 139 -13.21 -18.33 -11.31
C THR A 139 -12.23 -17.36 -10.66
N GLN A 140 -12.16 -17.37 -9.36
CA GLN A 140 -11.41 -16.42 -8.52
C GLN A 140 -9.94 -16.77 -8.53
N GLN A 141 -9.05 -15.80 -8.59
CA GLN A 141 -7.62 -16.06 -8.78
C GLN A 141 -6.83 -15.88 -7.53
N LYS A 142 -5.57 -16.36 -7.50
CA LYS A 142 -4.69 -16.11 -6.40
C LYS A 142 -3.74 -14.94 -6.63
N THR A 143 -3.20 -14.43 -5.54
CA THR A 143 -2.27 -13.30 -5.57
C THR A 143 -0.84 -13.81 -5.78
N PHE A 144 0.01 -12.96 -6.30
CA PHE A 144 1.42 -13.28 -6.59
C PHE A 144 2.09 -13.84 -5.39
N PHE A 145 1.78 -13.35 -4.20
CA PHE A 145 2.46 -13.85 -2.97
C PHE A 145 2.02 -15.29 -2.66
N ASP A 146 0.79 -15.61 -2.86
CA ASP A 146 0.16 -16.91 -2.68
C ASP A 146 0.72 -17.94 -3.66
N ASN A 147 0.86 -17.58 -4.90
CA ASN A 147 1.60 -18.24 -5.96
C ASN A 147 3.05 -18.45 -5.68
N ALA A 148 3.69 -17.66 -4.83
CA ALA A 148 5.14 -17.77 -4.64
C ALA A 148 5.43 -18.58 -3.37
N LYS A 149 4.50 -18.58 -2.47
CA LYS A 149 4.63 -18.89 -1.05
C LYS A 149 5.40 -20.21 -0.86
N ALA A 150 4.92 -21.20 -1.59
CA ALA A 150 5.38 -22.58 -1.47
C ALA A 150 6.83 -22.71 -1.96
N SER A 151 7.18 -21.95 -2.96
CA SER A 151 8.51 -21.81 -3.54
C SER A 151 9.47 -21.07 -2.62
N LEU A 152 8.94 -20.17 -1.81
CA LEU A 152 9.80 -19.32 -1.00
C LEU A 152 10.53 -20.07 0.06
N ASP A 153 11.68 -19.54 0.47
CA ASP A 153 12.37 -19.98 1.66
C ASP A 153 11.50 -19.89 2.90
N SER A 154 10.97 -18.72 3.19
CA SER A 154 9.94 -18.47 4.20
C SER A 154 8.73 -17.77 3.58
N PRO A 155 7.52 -18.18 3.97
CA PRO A 155 6.32 -17.60 3.29
C PRO A 155 5.99 -16.24 3.88
N VAL A 156 6.71 -15.24 3.37
CA VAL A 156 6.88 -13.96 3.98
C VAL A 156 7.44 -12.94 3.02
N PHE A 157 6.84 -11.77 3.04
CA PHE A 157 7.53 -10.59 2.47
C PHE A 157 7.67 -9.52 3.54
N THR A 158 8.70 -8.72 3.45
CA THR A 158 8.83 -7.55 4.32
C THR A 158 8.63 -6.27 3.46
N ALA A 159 8.20 -5.21 4.07
CA ALA A 159 8.05 -3.87 3.59
C ALA A 159 8.96 -2.89 4.34
N ASP A 160 9.73 -2.16 3.56
CA ASP A 160 10.73 -1.21 4.10
C ASP A 160 10.63 0.08 3.27
N LEU A 161 9.59 0.85 3.51
CA LEU A 161 9.29 2.04 2.67
C LEU A 161 10.23 3.17 3.08
N GLY A 162 10.69 3.98 2.14
CA GLY A 162 11.61 5.09 2.51
C GLY A 162 10.84 6.40 2.68
N TYR A 163 11.32 7.27 3.54
CA TYR A 163 10.80 8.67 3.65
C TYR A 163 11.64 9.52 2.70
N HIS A 164 11.01 9.96 1.63
CA HIS A 164 11.63 10.80 0.61
C HIS A 164 12.76 10.07 -0.09
N ALA A 165 12.64 8.75 -0.25
CA ALA A 165 13.80 7.91 -0.54
C ALA A 165 13.37 6.54 -0.99
N PRO A 166 14.21 5.80 -1.75
CA PRO A 166 13.75 4.42 -2.09
C PRO A 166 13.74 3.54 -0.87
N GLY A 167 13.04 2.41 -0.96
CA GLY A 167 13.27 1.27 -0.14
C GLY A 167 13.13 -0.04 -0.88
N THR A 168 12.72 -1.06 -0.14
CA THR A 168 12.83 -2.44 -0.57
C THR A 168 11.57 -3.22 -0.16
N TYR A 169 11.15 -4.06 -1.05
CA TYR A 169 10.33 -5.23 -0.81
C TYR A 169 11.14 -6.52 -1.06
N ASN A 170 11.24 -7.32 -0.06
CA ASN A 170 11.91 -8.62 -0.03
C ASN A 170 10.82 -9.72 0.09
N PHE A 171 11.06 -10.83 -0.56
CA PHE A 171 10.18 -12.02 -0.58
C PHE A 171 10.98 -13.26 -0.24
N GLY A 172 10.65 -13.91 0.87
CA GLY A 172 11.24 -15.21 1.16
C GLY A 172 12.22 -15.13 2.31
N PHE A 173 12.56 -13.92 2.77
CA PHE A 173 13.51 -13.73 3.83
C PHE A 173 13.33 -12.42 4.60
N ILE A 174 13.85 -12.36 5.80
CA ILE A 174 14.01 -11.22 6.67
C ILE A 174 15.43 -10.70 6.77
N ASP A 175 15.69 -9.55 6.16
CA ASP A 175 17.05 -8.95 6.20
C ASP A 175 17.25 -8.34 7.60
N THR A 176 17.91 -9.08 8.46
CA THR A 176 18.14 -8.70 9.85
C THR A 176 19.04 -7.44 9.88
N THR A 177 19.50 -7.07 8.71
CA THR A 177 20.37 -5.93 8.45
C THR A 177 19.57 -4.64 8.47
N ALA A 178 18.28 -4.74 8.19
CA ALA A 178 17.52 -3.58 7.73
C ALA A 178 16.76 -2.92 8.84
N TYR A 179 16.67 -3.53 10.01
CA TYR A 179 15.96 -2.91 11.14
C TYR A 179 16.87 -2.77 12.34
N THR A 180 16.44 -2.05 13.34
CA THR A 180 17.12 -1.97 14.64
C THR A 180 16.41 -2.76 15.72
N GLY A 181 17.14 -3.33 16.66
CA GLY A 181 16.51 -4.01 17.79
C GLY A 181 15.74 -5.25 17.33
N SER A 182 14.62 -5.52 17.96
CA SER A 182 13.77 -6.66 17.83
C SER A 182 12.55 -6.40 16.96
N ILE A 183 12.11 -7.41 16.25
CA ILE A 183 10.80 -7.44 15.59
C ILE A 183 9.72 -7.88 16.57
N THR A 184 8.68 -7.09 16.70
CA THR A 184 7.48 -7.45 17.48
C THR A 184 6.37 -7.91 16.57
N TYR A 185 5.99 -9.16 16.70
CA TYR A 185 4.96 -9.75 15.82
C TYR A 185 3.62 -9.64 16.53
N THR A 186 2.56 -9.44 15.79
CA THR A 186 1.23 -9.28 16.40
C THR A 186 0.18 -9.97 15.57
N ALA A 187 -0.92 -10.36 16.22
CA ALA A 187 -1.90 -11.26 15.60
C ALA A 187 -2.61 -10.61 14.45
N VAL A 188 -2.83 -11.37 13.39
CA VAL A 188 -3.57 -10.88 12.21
C VAL A 188 -4.91 -11.62 12.12
N SER A 189 -5.98 -10.89 12.00
CA SER A 189 -7.31 -11.38 11.60
C SER A 189 -7.48 -11.35 10.10
N THR A 190 -7.80 -12.50 9.51
CA THR A 190 -7.85 -12.57 8.01
C THR A 190 -9.29 -12.45 7.54
N LYS A 191 -10.18 -12.25 8.49
CA LYS A 191 -11.59 -12.50 8.39
C LYS A 191 -12.27 -11.61 7.35
N GLN A 192 -11.74 -10.41 7.15
CA GLN A 192 -12.19 -9.52 6.06
C GLN A 192 -11.23 -9.57 4.87
N GLY A 193 -10.14 -10.26 5.03
CA GLY A 193 -9.14 -10.54 4.02
C GLY A 193 -8.06 -9.46 3.96
N PHE A 194 -7.89 -8.74 5.03
CA PHE A 194 -6.92 -7.67 5.19
C PHE A 194 -5.80 -8.13 6.12
N TRP A 195 -4.66 -7.48 5.98
CA TRP A 195 -3.63 -7.60 7.02
C TRP A 195 -4.07 -6.80 8.23
N GLU A 196 -5.03 -7.40 8.89
CA GLU A 196 -5.83 -6.69 9.86
C GLU A 196 -5.33 -6.94 11.25
N TRP A 197 -4.98 -5.90 11.97
CA TRP A 197 -4.39 -6.14 13.30
C TRP A 197 -4.85 -5.09 14.31
N THR A 198 -4.40 -5.25 15.53
CA THR A 198 -4.94 -4.46 16.62
C THR A 198 -3.82 -3.80 17.42
N SER A 199 -3.78 -2.49 17.38
CA SER A 199 -2.70 -1.70 18.02
C SER A 199 -3.11 -1.38 19.45
N THR A 200 -2.14 -1.23 20.32
CA THR A 200 -2.29 -1.31 21.76
C THR A 200 -2.34 0.08 22.38
N GLY A 201 -2.15 1.11 21.55
CA GLY A 201 -2.44 2.49 21.99
C GLY A 201 -1.66 3.52 21.26
N TYR A 202 -1.49 4.70 21.87
CA TYR A 202 -0.85 5.80 21.11
C TYR A 202 -0.33 6.86 22.07
N ALA A 203 0.67 7.60 21.64
CA ALA A 203 1.14 8.82 22.33
C ALA A 203 1.29 9.94 21.31
N VAL A 204 1.00 11.16 21.72
CA VAL A 204 1.22 12.35 20.92
C VAL A 204 2.42 13.14 21.43
N GLY A 205 3.46 13.19 20.60
CA GLY A 205 4.73 13.75 21.00
C GLY A 205 5.34 13.11 22.21
N SER A 206 5.74 13.95 23.16
CA SER A 206 6.37 13.45 24.39
C SER A 206 5.31 13.31 25.50
N GLY A 207 4.06 13.16 25.12
CA GLY A 207 2.99 12.89 26.03
C GLY A 207 2.94 11.45 26.55
N THR A 208 1.98 11.24 27.40
CA THR A 208 1.61 9.98 28.05
C THR A 208 1.02 9.04 26.98
N PHE A 209 1.35 7.78 27.09
CA PHE A 209 0.83 6.77 26.12
C PHE A 209 -0.55 6.34 26.58
N LYS A 210 -1.53 6.41 25.71
CA LYS A 210 -2.85 5.88 26.06
C LYS A 210 -3.02 4.47 25.55
N SER A 211 -3.04 3.50 26.44
CA SER A 211 -3.54 2.18 26.20
C SER A 211 -4.99 2.19 25.71
N THR A 212 -5.18 2.05 24.42
CA THR A 212 -6.45 1.79 23.77
C THR A 212 -6.29 0.92 22.55
N SER A 213 -7.08 -0.13 22.43
CA SER A 213 -7.12 -1.00 21.26
C SER A 213 -7.54 -0.27 20.01
N ILE A 214 -6.64 -0.17 19.03
CA ILE A 214 -7.04 0.40 17.72
C ILE A 214 -6.87 -0.70 16.65
N ASP A 215 -7.98 -1.20 16.17
CA ASP A 215 -8.09 -2.14 15.07
C ASP A 215 -7.93 -1.42 13.75
N GLY A 216 -6.99 -1.84 12.91
CA GLY A 216 -7.04 -1.35 11.51
C GLY A 216 -6.13 -2.20 10.64
N ILE A 217 -5.95 -1.81 9.39
CA ILE A 217 -5.25 -2.61 8.38
C ILE A 217 -3.91 -2.03 8.02
N ALA A 218 -2.89 -2.86 7.92
CA ALA A 218 -1.66 -2.52 7.19
C ALA A 218 -1.93 -2.40 5.70
N ASP A 219 -1.80 -1.20 5.18
CA ASP A 219 -2.09 -0.94 3.75
C ASP A 219 -1.02 -0.11 3.09
N THR A 220 -0.11 -0.72 2.35
CA THR A 220 0.94 0.01 1.65
C THR A 220 0.39 0.84 0.48
N GLY A 221 -0.80 0.62 0.04
CA GLY A 221 -1.55 1.24 -1.01
C GLY A 221 -2.34 2.48 -0.60
N THR A 222 -2.30 2.86 0.65
CA THR A 222 -2.90 4.12 1.16
C THR A 222 -1.82 5.06 1.67
N THR A 223 -1.90 6.32 1.29
CA THR A 223 -0.82 7.29 1.67
C THR A 223 -0.84 7.59 3.14
N LEU A 224 -2.04 7.84 3.68
CA LEU A 224 -2.14 8.57 4.96
C LEU A 224 -2.37 7.57 6.09
N LEU A 225 -2.21 8.04 7.29
CA LEU A 225 -2.64 7.42 8.53
C LEU A 225 -4.07 7.78 8.91
N TYR A 226 -4.94 6.80 9.06
CA TYR A 226 -6.35 7.05 9.31
C TYR A 226 -6.81 6.37 10.60
N LEU A 227 -7.13 7.21 11.54
CA LEU A 227 -7.26 6.84 12.96
C LEU A 227 -8.60 7.39 13.46
N PRO A 228 -9.14 6.89 14.55
CA PRO A 228 -10.47 7.32 15.01
C PRO A 228 -10.48 8.80 15.38
N ALA A 229 -11.66 9.38 15.36
CA ALA A 229 -11.85 10.83 15.50
C ALA A 229 -11.25 11.31 16.80
N THR A 230 -11.53 10.58 17.87
CA THR A 230 -10.93 10.76 19.17
C THR A 230 -9.41 10.91 19.13
N VAL A 231 -8.72 10.04 18.41
CA VAL A 231 -7.23 10.01 18.53
C VAL A 231 -6.69 11.16 17.67
N VAL A 232 -7.27 11.30 16.50
CA VAL A 232 -6.84 12.33 15.56
C VAL A 232 -7.07 13.71 16.13
N SER A 233 -8.20 13.94 16.78
CA SER A 233 -8.44 15.14 17.57
C SER A 233 -7.39 15.41 18.61
N ALA A 234 -7.05 14.48 19.50
CA ALA A 234 -5.88 14.62 20.37
C ALA A 234 -4.62 15.06 19.66
N TYR A 235 -4.37 14.61 18.43
CA TYR A 235 -3.04 14.92 17.79
C TYR A 235 -2.97 16.38 17.43
N TRP A 236 -3.90 16.83 16.61
CA TRP A 236 -3.96 18.19 16.13
C TRP A 236 -4.18 19.23 17.18
N ALA A 237 -4.77 18.85 18.30
CA ALA A 237 -4.93 19.73 19.46
C ALA A 237 -3.59 20.27 19.92
N GLN A 238 -2.51 19.58 19.53
CA GLN A 238 -1.17 19.91 19.90
C GLN A 238 -0.49 20.88 18.92
N VAL A 239 -1.11 21.11 17.79
CA VAL A 239 -0.56 22.02 16.75
C VAL A 239 -1.40 23.29 16.68
N SER A 240 -0.82 24.39 17.10
CA SER A 240 -1.42 25.72 17.02
C SER A 240 -1.74 26.05 15.54
N GLY A 241 -3.00 26.26 15.32
CA GLY A 241 -3.61 26.64 14.07
C GLY A 241 -4.31 25.50 13.40
N ALA A 242 -4.09 24.26 13.88
CA ALA A 242 -4.64 23.13 13.06
C ALA A 242 -6.16 23.18 13.19
N LYS A 243 -6.86 22.90 12.11
CA LYS A 243 -8.34 22.73 12.27
C LYS A 243 -8.78 21.78 11.15
N SER A 244 -9.91 21.17 11.33
CA SER A 244 -10.61 20.41 10.27
C SER A 244 -11.36 21.45 9.39
N SER A 245 -11.13 21.39 8.10
CA SER A 245 -11.79 22.14 7.05
C SER A 245 -12.85 21.28 6.34
N SER A 246 -14.06 21.75 6.26
CA SER A 246 -15.03 21.35 5.25
C SER A 246 -14.50 21.50 3.84
N SER A 247 -14.00 22.65 3.48
CA SER A 247 -13.55 22.99 2.13
C SER A 247 -12.59 21.95 1.58
N VAL A 248 -11.57 21.63 2.35
CA VAL A 248 -10.41 20.90 1.79
C VAL A 248 -10.53 19.43 2.20
N GLY A 249 -11.26 19.21 3.26
CA GLY A 249 -11.82 17.92 3.61
C GLY A 249 -10.83 17.15 4.49
N GLY A 250 -10.53 17.71 5.64
CA GLY A 250 -9.64 17.18 6.61
C GLY A 250 -8.78 18.18 7.34
N TYR A 251 -7.97 17.70 8.28
CA TYR A 251 -7.18 18.62 9.13
C TYR A 251 -6.08 19.25 8.25
N VAL A 252 -5.93 20.55 8.37
CA VAL A 252 -4.79 21.31 7.86
C VAL A 252 -4.14 22.11 8.99
N PHE A 253 -2.90 22.52 8.78
CA PHE A 253 -2.13 23.28 9.74
C PHE A 253 -1.28 24.33 9.06
N PRO A 254 -0.86 25.36 9.78
CA PRO A 254 -0.09 26.45 9.11
C PRO A 254 1.29 25.90 8.76
N CYS A 255 1.76 26.10 7.57
CA CYS A 255 2.94 25.35 7.09
C CYS A 255 4.15 25.65 7.98
N SER A 256 4.08 26.78 8.65
CA SER A 256 5.20 27.22 9.51
C SER A 256 5.18 26.51 10.84
N ALA A 257 4.22 25.62 11.09
CA ALA A 257 4.08 25.04 12.42
C ALA A 257 5.02 23.83 12.53
N THR A 258 5.04 23.22 13.69
CA THR A 258 6.03 22.15 14.02
C THR A 258 5.21 20.91 14.41
N LEU A 259 5.29 19.89 13.59
CA LEU A 259 4.50 18.64 13.83
C LEU A 259 5.16 17.84 14.94
N PRO A 260 4.41 17.55 16.00
CA PRO A 260 4.90 16.59 17.01
C PRO A 260 4.95 15.20 16.45
N SER A 261 5.76 14.31 17.00
CA SER A 261 5.76 12.91 16.52
C SER A 261 4.47 12.22 16.94
N PHE A 262 4.20 11.08 16.36
CA PHE A 262 3.11 10.20 16.66
C PHE A 262 3.58 8.79 16.98
N THR A 263 3.26 8.29 18.15
CA THR A 263 3.66 6.94 18.57
C THR A 263 2.52 5.96 18.55
N PHE A 264 2.72 4.82 17.87
CA PHE A 264 1.78 3.74 17.96
C PHE A 264 2.28 2.48 18.59
N GLY A 265 1.38 1.75 19.25
CA GLY A 265 1.77 0.59 20.06
C GLY A 265 1.61 -0.70 19.25
N VAL A 266 2.72 -1.44 19.16
CA VAL A 266 2.69 -2.83 18.71
C VAL A 266 3.09 -3.76 19.80
N GLY A 267 2.11 -4.39 20.44
CA GLY A 267 2.38 -5.15 21.67
C GLY A 267 2.93 -4.19 22.74
N SER A 268 3.95 -4.62 23.44
CA SER A 268 4.64 -3.79 24.43
C SER A 268 5.67 -2.88 23.76
N ALA A 269 5.81 -2.99 22.44
CA ALA A 269 6.66 -2.10 21.67
C ALA A 269 5.93 -0.84 21.20
N ARG A 270 6.67 0.13 20.73
CA ARG A 270 6.24 1.45 20.30
C ARG A 270 6.98 1.88 19.05
N ILE A 271 6.27 2.45 18.10
CA ILE A 271 6.90 2.93 16.85
C ILE A 271 6.61 4.46 16.73
N VAL A 272 7.64 5.26 16.64
CA VAL A 272 7.39 6.74 16.57
C VAL A 272 7.49 7.09 15.08
N ILE A 273 6.44 7.66 14.55
CA ILE A 273 6.44 8.43 13.31
C ILE A 273 6.94 9.85 13.53
N PRO A 274 8.05 10.22 12.86
CA PRO A 274 8.57 11.58 13.13
C PRO A 274 7.62 12.61 12.64
N GLY A 275 7.48 13.74 13.35
CA GLY A 275 6.50 14.73 12.87
C GLY A 275 6.70 15.09 11.40
N ASP A 276 7.84 14.83 10.82
CA ASP A 276 8.14 15.31 9.44
C ASP A 276 7.37 14.46 8.42
N TYR A 277 7.16 13.21 8.76
CA TYR A 277 6.35 12.30 7.92
C TYR A 277 4.90 12.73 7.90
N ILE A 278 4.52 13.52 8.90
CA ILE A 278 3.14 13.96 9.02
C ILE A 278 2.78 15.17 8.22
N ASP A 279 3.75 15.87 7.69
CA ASP A 279 3.63 16.96 6.74
C ASP A 279 3.37 16.64 5.32
N PHE A 280 2.18 17.00 4.76
CA PHE A 280 1.97 16.69 3.35
C PHE A 280 1.92 17.96 2.51
N GLY A 281 2.46 19.03 3.07
CA GLY A 281 2.78 20.27 2.39
C GLY A 281 1.54 21.03 2.01
N PRO A 282 1.74 22.16 1.33
CA PRO A 282 0.68 23.11 1.04
C PRO A 282 -0.49 22.51 0.31
N ILE A 283 -1.70 22.73 0.82
CA ILE A 283 -2.90 22.11 0.26
C ILE A 283 -3.07 22.50 -1.22
N SER A 284 -2.47 23.59 -1.60
CA SER A 284 -2.48 24.18 -2.93
C SER A 284 -1.17 24.87 -3.24
N THR A 285 -0.81 25.04 -4.50
CA THR A 285 0.53 25.66 -4.74
C THR A 285 0.51 27.11 -4.27
N GLY A 286 1.44 27.48 -3.40
CA GLY A 286 1.49 28.89 -2.96
C GLY A 286 0.94 29.05 -1.56
N SER A 287 -0.05 28.24 -1.23
CA SER A 287 -0.73 28.21 0.02
C SER A 287 0.14 28.08 1.23
N SER A 288 -0.29 28.69 2.33
CA SER A 288 0.48 28.50 3.58
C SER A 288 -0.29 27.61 4.53
N SER A 289 -1.41 27.05 4.05
CA SER A 289 -1.99 25.89 4.77
C SER A 289 -1.42 24.58 4.19
N CYS A 290 -1.17 23.67 5.09
CA CYS A 290 -0.39 22.46 4.78
C CYS A 290 -1.28 21.25 5.20
N PHE A 291 -1.16 20.18 4.48
CA PHE A 291 -2.08 19.00 4.67
C PHE A 291 -1.47 18.04 5.63
N GLY A 292 -2.23 17.67 6.69
CA GLY A 292 -1.77 16.70 7.64
C GLY A 292 -1.82 15.27 7.16
N GLY A 293 -0.98 14.42 7.72
CA GLY A 293 -0.82 13.03 7.27
C GLY A 293 -1.55 12.06 8.20
N ILE A 294 -2.17 12.54 9.24
CA ILE A 294 -3.08 11.83 10.16
C ILE A 294 -4.47 12.47 10.06
N GLN A 295 -5.44 11.70 9.65
CA GLN A 295 -6.80 12.11 9.30
C GLN A 295 -7.80 11.16 9.96
N SER A 296 -9.04 11.57 10.08
CA SER A 296 -10.07 10.77 10.77
C SER A 296 -10.54 9.58 9.99
N SER A 297 -10.74 8.45 10.64
CA SER A 297 -11.29 7.24 9.98
C SER A 297 -12.80 7.31 9.86
N ALA A 298 -13.46 8.27 10.45
CA ALA A 298 -14.90 8.25 10.67
C ALA A 298 -15.71 7.92 9.45
N GLY A 299 -15.26 8.37 8.29
CA GLY A 299 -16.06 8.20 7.08
C GLY A 299 -15.60 7.08 6.18
N ILE A 300 -14.76 6.19 6.66
CA ILE A 300 -14.29 5.05 5.85
C ILE A 300 -14.70 3.74 6.55
N GLY A 301 -14.80 3.80 7.85
CA GLY A 301 -15.32 2.68 8.65
C GLY A 301 -14.23 1.68 8.96
N ILE A 302 -13.03 1.94 8.44
CA ILE A 302 -11.86 1.16 8.85
C ILE A 302 -10.71 2.06 9.16
N ASN A 303 -9.93 1.73 10.18
CA ASN A 303 -8.68 2.47 10.46
C ASN A 303 -7.56 1.90 9.59
N ILE A 304 -6.83 2.76 8.92
CA ILE A 304 -5.78 2.36 7.98
C ILE A 304 -4.42 2.83 8.44
N PHE A 305 -3.52 1.92 8.72
CA PHE A 305 -2.09 2.21 8.82
C PHE A 305 -1.49 2.18 7.41
N GLY A 306 -1.45 3.31 6.77
CA GLY A 306 -1.00 3.65 5.45
C GLY A 306 0.49 4.00 5.46
N ASP A 307 0.97 4.51 4.35
CA ASP A 307 2.44 4.68 4.16
C ASP A 307 3.02 5.56 5.25
N VAL A 308 2.30 6.58 5.72
CA VAL A 308 2.84 7.42 6.82
C VAL A 308 3.25 6.64 8.04
N ALA A 309 2.46 5.61 8.41
CA ALA A 309 2.86 4.75 9.55
C ALA A 309 3.87 3.69 9.18
N LEU A 310 3.67 3.03 8.04
CA LEU A 310 4.57 1.92 7.66
C LEU A 310 5.96 2.41 7.31
N LYS A 311 6.07 3.62 6.72
CA LYS A 311 7.43 4.10 6.37
C LYS A 311 8.30 4.28 7.53
N ALA A 312 7.73 4.38 8.75
CA ALA A 312 8.52 4.53 9.96
C ALA A 312 8.95 3.21 10.54
N ALA A 313 8.43 2.08 10.03
CA ALA A 313 8.82 0.78 10.57
C ALA A 313 9.40 -0.13 9.51
N PHE A 314 10.11 -1.13 9.96
CA PHE A 314 10.36 -2.33 9.12
C PHE A 314 9.26 -3.35 9.35
N VAL A 315 8.52 -3.66 8.29
CA VAL A 315 7.29 -4.43 8.45
C VAL A 315 7.42 -5.80 7.82
N VAL A 316 7.15 -6.85 8.57
CA VAL A 316 7.07 -8.21 8.02
C VAL A 316 5.63 -8.67 7.90
N PHE A 317 5.21 -9.04 6.72
CA PHE A 317 3.91 -9.75 6.60
C PHE A 317 4.21 -11.26 6.54
N ASN A 318 4.22 -11.90 7.66
CA ASN A 318 4.27 -13.35 7.82
C ASN A 318 3.00 -14.00 7.33
N GLY A 319 3.07 -14.68 6.20
CA GLY A 319 1.87 -15.25 5.59
C GLY A 319 1.76 -16.73 5.82
N ALA A 320 1.79 -17.16 7.07
CA ALA A 320 2.01 -18.54 7.42
C ALA A 320 0.80 -19.19 8.12
N THR A 321 -0.37 -19.15 7.58
CA THR A 321 -1.50 -20.04 7.98
C THR A 321 -2.13 -19.51 9.29
N THR A 322 -1.29 -19.30 10.27
CA THR A 322 -1.41 -18.39 11.38
C THR A 322 -0.67 -17.07 11.06
N PRO A 323 -1.18 -16.29 10.13
CA PRO A 323 -0.36 -15.12 9.68
C PRO A 323 -0.15 -14.18 10.87
N THR A 324 1.00 -13.59 10.93
CA THR A 324 1.35 -12.51 11.83
C THR A 324 1.83 -11.26 11.12
N LEU A 325 1.89 -10.16 11.82
CA LEU A 325 2.41 -8.88 11.35
C LEU A 325 3.56 -8.45 12.24
N GLY A 326 4.79 -8.32 11.71
CA GLY A 326 5.88 -7.84 12.62
C GLY A 326 6.20 -6.38 12.34
N PHE A 327 6.48 -5.60 13.36
CA PHE A 327 7.07 -4.28 13.33
C PHE A 327 8.45 -4.22 13.95
N ALA A 328 9.41 -3.60 13.24
CA ALA A 328 10.63 -3.15 13.91
C ALA A 328 10.88 -1.67 13.68
N SER A 329 11.59 -1.05 14.59
CA SER A 329 12.29 0.21 14.37
C SER A 329 13.34 0.08 13.29
N LYS A 330 13.49 1.13 12.49
CA LYS A 330 14.59 1.30 11.57
C LYS A 330 15.27 2.63 11.74
O1 BOC B 1 -2.90 16.33 -3.37
C BOC B 1 -2.11 15.71 -2.67
O2 BOC B 1 -1.46 16.25 -1.54
CT BOC B 1 -1.90 17.56 -1.25
C1 BOC B 1 -3.43 17.63 -1.22
C2 BOC B 1 -1.34 18.54 -2.31
C3 BOC B 1 -1.35 17.97 0.14
N HIS B 2 -1.76 14.45 -2.91
CA HIS B 2 -2.47 13.62 -3.90
C HIS B 2 -2.59 12.19 -3.35
N PRO B 3 -3.32 12.02 -2.26
CA PRO B 3 -3.33 10.79 -1.50
C PRO B 3 -3.98 9.64 -2.28
N PHE B 4 -3.75 8.46 -1.77
CA PHE B 4 -4.29 7.22 -2.37
C PHE B 4 -4.90 6.41 -1.21
N HIS B 5 -6.04 5.86 -1.42
CA HIS B 5 -6.67 4.85 -0.55
C HIS B 5 -7.09 3.64 -1.39
N STA B 6 -6.24 2.63 -1.43
CA STA B 6 -6.45 1.42 -2.24
CB STA B 6 -5.56 1.34 -3.42
CG STA B 6 -5.41 2.55 -4.29
CD1 STA B 6 -4.22 2.42 -5.24
CD2 STA B 6 -6.65 2.83 -5.19
CH STA B 6 -6.40 0.16 -1.38
OH STA B 6 -5.14 0.00 -0.78
CM STA B 6 -7.48 0.18 -0.29
C STA B 6 -8.83 -0.20 -0.87
O STA B 6 -9.38 0.54 -1.68
N LEU B 7 -9.37 -1.34 -0.48
CA LEU B 7 -10.82 -1.59 -0.74
C LEU B 7 -11.65 -0.86 0.31
N PHE B 8 -12.76 -0.25 -0.09
#